data_7BAQ
#
_entry.id   7BAQ
#
_cell.length_a   69.220
_cell.length_b   73.334
_cell.length_c   77.388
_cell.angle_alpha   90.000
_cell.angle_beta   90.000
_cell.angle_gamma   90.000
#
_symmetry.space_group_name_H-M   'P 21 21 21'
#
loop_
_entity.id
_entity.type
_entity.pdbx_description
1 polymer 'cAMP-dependent protein kinase catalytic subunit alpha'
2 polymer 'cAMP-dependent protein kinase inhibitor alpha'
3 non-polymer (S,E)-3-(2-(3-bromo-4-hydroxybenzylidene)hydrazineyl)-2-(3-chlorophenyl)-3-oxopropan-1-aminium
4 water water
#
loop_
_entity_poly.entity_id
_entity_poly.type
_entity_poly.pdbx_seq_one_letter_code
_entity_poly.pdbx_strand_id
1 'polypeptide(L)'
;GHMGNAAAAKKGSEQESVKEFLAKAKEEFLKKWESPSQNTAQLDHFDRIKTLGTGSFGRVMLVKHKETGNHYAMKILDKQ
KVVKLKQIEHTLNEKRILQAVNFPFLVKLEFSFKDNSNLYMVMEYVPGGEMFSHLRRIGRFSEPHARFYAAQIVLTFEYL
HSLDLIYRDLKPENLLIDQQGYIQVTDFGFAKRVKGRTW(TPO)LCGTPEYLAPEIILSKGYNKAVDWWALGVLIYEMAA
GYPPFFADQPIQIYEKIVSGKVRFPSHFSSDLKDLLRNLLQVDLTKRFGNLKNGVNDIKNHKWFATTDWIAIYQRKVEAP
FIPKFKGPGDTSNFDDYEEEEIRV(SEP)INEKCGKEFTEF
;
A
2 'polypeptide(L)' TTYADFIASGRTGRRNAI B
#
loop_
_chem_comp.id
_chem_comp.type
_chem_comp.name
_chem_comp.formula
T82 non-polymer (S,E)-3-(2-(3-bromo-4-hydroxybenzylidene)hydrazineyl)-2-(3-chlorophenyl)-3-oxopropan-1-aminium 'C16 H15 Br Cl N3 O2'
#
# COMPACT_ATOMS: atom_id res chain seq x y z
N GLU A 14 -16.46 16.25 -17.73
CA GLU A 14 -15.67 15.88 -16.56
C GLU A 14 -15.91 14.43 -16.17
N GLN A 15 -17.18 14.04 -16.08
CA GLN A 15 -17.52 12.65 -15.78
C GLN A 15 -17.15 11.72 -16.93
N GLU A 16 -17.46 12.13 -18.17
CA GLU A 16 -17.09 11.30 -19.33
C GLU A 16 -15.58 11.23 -19.48
N SER A 17 -14.85 12.23 -18.98
CA SER A 17 -13.40 12.18 -19.05
C SER A 17 -12.83 11.08 -18.17
N VAL A 18 -13.37 10.93 -16.95
CA VAL A 18 -12.91 9.86 -16.08
C VAL A 18 -13.29 8.51 -16.67
N LYS A 19 -14.50 8.39 -17.21
CA LYS A 19 -14.90 7.14 -17.85
C LYS A 19 -13.92 6.78 -18.96
N GLU A 20 -13.60 7.74 -19.83
CA GLU A 20 -12.72 7.45 -20.96
C GLU A 20 -11.32 7.11 -20.49
N PHE A 21 -10.84 7.82 -19.45
CA PHE A 21 -9.53 7.52 -18.90
C PHE A 21 -9.48 6.09 -18.36
N LEU A 22 -10.51 5.70 -17.58
CA LEU A 22 -10.48 4.37 -16.97
C LEU A 22 -10.63 3.28 -18.01
N ALA A 23 -11.37 3.53 -19.09
CA ALA A 23 -11.50 2.53 -20.14
C ALA A 23 -10.17 2.30 -20.84
N LYS A 24 -9.43 3.38 -21.13
CA LYS A 24 -8.11 3.21 -21.75
C LYS A 24 -7.17 2.51 -20.78
N ALA A 25 -7.25 2.85 -19.50
CA ALA A 25 -6.40 2.23 -18.50
C ALA A 25 -6.62 0.73 -18.43
N LYS A 26 -7.89 0.29 -18.52
CA LYS A 26 -8.20 -1.13 -18.44
C LYS A 26 -7.67 -1.89 -19.64
N GLU A 27 -7.81 -1.29 -20.83
CA GLU A 27 -7.27 -1.90 -22.05
C GLU A 27 -5.77 -2.10 -21.93
N GLU A 28 -5.05 -1.11 -21.39
CA GLU A 28 -3.61 -1.23 -21.26
C GLU A 28 -3.25 -2.27 -20.21
N PHE A 29 -3.97 -2.26 -19.08
CA PHE A 29 -3.70 -3.22 -18.02
C PHE A 29 -3.90 -4.65 -18.51
N LEU A 30 -5.01 -4.90 -19.19
CA LEU A 30 -5.32 -6.26 -19.60
C LEU A 30 -4.29 -6.79 -20.61
N LYS A 31 -3.83 -5.93 -21.52
CA LYS A 31 -2.80 -6.36 -22.46
C LYS A 31 -1.55 -6.84 -21.72
N LYS A 32 -1.09 -6.05 -20.73
CA LYS A 32 0.10 -6.41 -19.97
C LYS A 32 -0.16 -7.58 -19.02
N TRP A 33 -1.38 -7.70 -18.51
CA TRP A 33 -1.71 -8.82 -17.64
C TRP A 33 -1.64 -10.14 -18.39
N GLU A 34 -2.12 -10.15 -19.64
CA GLU A 34 -2.15 -11.36 -20.44
C GLU A 34 -0.77 -11.75 -20.95
N SER A 35 0.16 -10.80 -21.08
CA SER A 35 1.47 -11.04 -21.64
C SER A 35 2.54 -10.39 -20.77
N PRO A 36 2.77 -10.90 -19.55
CA PRO A 36 3.74 -10.24 -18.67
C PRO A 36 5.15 -10.26 -19.21
N SER A 37 5.91 -9.23 -18.83
CA SER A 37 7.35 -9.21 -19.10
C SER A 37 8.09 -10.12 -18.14
N GLN A 38 9.23 -10.64 -18.60
CA GLN A 38 10.09 -11.51 -17.81
C GLN A 38 11.55 -11.22 -18.08
N ASN A 39 12.40 -11.46 -17.08
CA ASN A 39 13.86 -11.60 -17.27
C ASN A 39 14.45 -10.40 -18.01
N THR A 40 14.30 -9.22 -17.41
CA THR A 40 14.72 -7.98 -18.05
C THR A 40 16.01 -7.39 -17.46
N ALA A 41 16.70 -8.10 -16.56
CA ALA A 41 18.03 -7.70 -16.09
C ALA A 41 18.67 -8.89 -15.39
N GLN A 42 19.81 -8.66 -14.71
CA GLN A 42 20.47 -9.71 -13.95
C GLN A 42 21.27 -9.10 -12.80
N LEU A 43 21.65 -9.97 -11.84
CA LEU A 43 22.13 -9.45 -10.56
C LEU A 43 23.43 -8.68 -10.69
N ASP A 44 24.34 -9.14 -11.54
CA ASP A 44 25.65 -8.48 -11.66
C ASP A 44 25.58 -7.18 -12.45
N HIS A 45 24.39 -6.73 -12.85
CA HIS A 45 24.21 -5.37 -13.31
C HIS A 45 24.14 -4.35 -12.17
N PHE A 46 24.16 -4.79 -10.91
CA PHE A 46 23.89 -3.94 -9.77
C PHE A 46 24.95 -4.09 -8.69
N ASP A 47 25.23 -2.98 -8.00
CA ASP A 47 25.95 -2.98 -6.74
C ASP A 47 24.97 -2.81 -5.58
N ARG A 48 25.21 -3.53 -4.48
CA ARG A 48 24.38 -3.34 -3.30
C ARG A 48 24.92 -2.17 -2.49
N ILE A 49 24.00 -1.39 -1.95
CA ILE A 49 24.33 -0.23 -1.14
C ILE A 49 23.91 -0.43 0.31
N LYS A 50 22.67 -0.87 0.54
CA LYS A 50 22.16 -0.92 1.91
C LYS A 50 20.87 -1.72 1.97
N THR A 51 20.69 -2.43 3.08
CA THR A 51 19.42 -3.10 3.36
C THR A 51 18.43 -2.08 3.89
N LEU A 52 17.29 -1.94 3.22
CA LEU A 52 16.25 -1.01 3.61
C LEU A 52 15.15 -1.66 4.42
N GLY A 53 14.94 -2.96 4.24
CA GLY A 53 13.89 -3.68 4.94
C GLY A 53 14.16 -5.16 4.90
N THR A 54 13.66 -5.86 5.91
CA THR A 54 13.86 -7.30 5.96
C THR A 54 12.60 -7.97 6.47
N GLY A 55 12.24 -9.10 5.85
CA GLY A 55 11.04 -9.84 6.14
C GLY A 55 11.33 -11.34 6.22
N SER A 56 10.27 -12.13 6.46
CA SER A 56 10.48 -13.54 6.74
C SER A 56 10.89 -14.36 5.53
N PHE A 57 10.71 -13.84 4.30
CA PHE A 57 11.16 -14.56 3.13
C PHE A 57 11.86 -13.65 2.12
N GLY A 58 12.29 -12.47 2.52
CA GLY A 58 13.01 -11.62 1.61
C GLY A 58 13.51 -10.35 2.26
N ARG A 59 14.08 -9.49 1.43
CA ARG A 59 14.66 -8.23 1.84
C ARG A 59 14.42 -7.20 0.75
N VAL A 60 14.48 -5.94 1.12
CA VAL A 60 14.49 -4.84 0.16
C VAL A 60 15.81 -4.09 0.33
N MET A 61 16.51 -3.92 -0.80
CA MET A 61 17.83 -3.33 -0.84
C MET A 61 17.82 -2.05 -1.66
N LEU A 62 18.64 -1.09 -1.25
CA LEU A 62 19.08 -0.05 -2.16
C LEU A 62 20.23 -0.58 -2.99
N VAL A 63 20.11 -0.44 -4.32
CA VAL A 63 21.13 -0.87 -5.26
C VAL A 63 21.42 0.26 -6.23
N LYS A 64 22.59 0.18 -6.83
CA LYS A 64 22.99 1.11 -7.88
C LYS A 64 23.23 0.32 -9.15
N HIS A 65 22.59 0.76 -10.22
CA HIS A 65 22.77 0.14 -11.53
C HIS A 65 24.14 0.53 -12.07
N LYS A 66 24.99 -0.46 -12.38
CA LYS A 66 26.38 -0.16 -12.71
C LYS A 66 26.49 0.70 -13.96
N GLU A 67 25.76 0.34 -15.03
CA GLU A 67 25.93 1.02 -16.31
C GLU A 67 25.50 2.47 -16.24
N THR A 68 24.37 2.76 -15.58
CA THR A 68 23.82 4.10 -15.55
C THR A 68 24.14 4.88 -14.30
N GLY A 69 24.44 4.22 -13.20
CA GLY A 69 24.56 4.89 -11.93
C GLY A 69 23.26 5.20 -11.24
N ASN A 70 22.13 4.84 -11.85
CA ASN A 70 20.84 5.04 -11.22
C ASN A 70 20.69 4.16 -9.99
N HIS A 71 20.03 4.71 -8.97
CA HIS A 71 19.66 3.94 -7.80
C HIS A 71 18.25 3.39 -7.96
N TYR A 72 18.04 2.20 -7.41
CA TYR A 72 16.77 1.51 -7.42
C TYR A 72 16.58 0.78 -6.09
N ALA A 73 15.32 0.48 -5.77
CA ALA A 73 15.02 -0.47 -4.71
C ALA A 73 14.91 -1.86 -5.34
N MET A 74 15.51 -2.84 -4.70
CA MET A 74 15.49 -4.21 -5.21
C MET A 74 14.89 -5.09 -4.13
N LYS A 75 13.71 -5.66 -4.41
CA LYS A 75 13.11 -6.66 -3.55
C LYS A 75 13.68 -8.02 -3.94
N ILE A 76 14.28 -8.71 -2.98
CA ILE A 76 14.92 -10.00 -3.18
C ILE A 76 14.17 -11.01 -2.34
N LEU A 77 13.55 -12.00 -2.99
CA LEU A 77 12.79 -13.03 -2.30
C LEU A 77 13.50 -14.37 -2.41
N ASP A 78 13.63 -15.05 -1.27
CA ASP A 78 14.25 -16.37 -1.22
C ASP A 78 13.21 -17.41 -1.62
N LYS A 79 13.40 -18.06 -2.77
CA LYS A 79 12.36 -18.95 -3.31
C LYS A 79 12.01 -20.06 -2.31
N GLN A 80 13.00 -20.65 -1.66
CA GLN A 80 12.70 -21.72 -0.70
C GLN A 80 11.87 -21.21 0.47
N LYS A 81 12.13 -19.99 0.91
CA LYS A 81 11.36 -19.44 2.02
C LYS A 81 9.95 -19.08 1.56
N VAL A 82 9.83 -18.58 0.32
CA VAL A 82 8.52 -18.33 -0.25
C VAL A 82 7.67 -19.58 -0.24
N VAL A 83 8.24 -20.71 -0.68
CA VAL A 83 7.53 -21.98 -0.69
C VAL A 83 7.19 -22.41 0.73
N LYS A 84 8.16 -22.32 1.65
CA LYS A 84 7.94 -22.76 3.03
C LYS A 84 6.78 -22.02 3.66
N LEU A 85 6.66 -20.72 3.40
CA LEU A 85 5.67 -19.87 4.03
C LEU A 85 4.41 -19.72 3.19
N LYS A 86 4.29 -20.52 2.13
CA LYS A 86 3.07 -20.63 1.32
C LYS A 86 2.72 -19.31 0.64
N GLN A 87 3.73 -18.65 0.08
CA GLN A 87 3.58 -17.33 -0.54
C GLN A 87 3.80 -17.37 -2.04
N ILE A 88 3.74 -18.56 -2.64
CA ILE A 88 4.00 -18.67 -4.08
C ILE A 88 3.02 -17.82 -4.86
N GLU A 89 1.72 -18.06 -4.66
CA GLU A 89 0.72 -17.37 -5.48
C GLU A 89 0.76 -15.87 -5.22
N HIS A 90 0.92 -15.47 -3.96
CA HIS A 90 0.97 -14.02 -3.67
C HIS A 90 2.17 -13.37 -4.33
N THR A 91 3.31 -14.06 -4.36
CA THR A 91 4.51 -13.50 -4.94
C THR A 91 4.40 -13.38 -6.46
N LEU A 92 3.92 -14.42 -7.12
CA LEU A 92 3.67 -14.35 -8.56
C LEU A 92 2.63 -13.29 -8.90
N ASN A 93 1.60 -13.17 -8.05
CA ASN A 93 0.53 -12.20 -8.26
C ASN A 93 1.06 -10.78 -8.16
N GLU A 94 1.87 -10.51 -7.12
CA GLU A 94 2.41 -9.18 -6.97
C GLU A 94 3.20 -8.77 -8.20
N LYS A 95 4.09 -9.64 -8.66
CA LYS A 95 4.91 -9.26 -9.82
C LYS A 95 4.03 -9.08 -11.05
N ARG A 96 3.01 -9.93 -11.22
CA ARG A 96 2.14 -9.79 -12.38
C ARG A 96 1.35 -8.48 -12.35
N ILE A 97 0.87 -8.08 -11.17
CA ILE A 97 0.20 -6.80 -11.04
C ILE A 97 1.16 -5.64 -11.30
N LEU A 98 2.34 -5.67 -10.67
CA LEU A 98 3.24 -4.52 -10.75
C LEU A 98 3.69 -4.25 -12.19
N GLN A 99 3.90 -5.30 -12.98
CA GLN A 99 4.30 -5.08 -14.37
C GLN A 99 3.14 -4.65 -15.25
N ALA A 100 1.89 -4.75 -14.78
CA ALA A 100 0.73 -4.41 -15.60
C ALA A 100 0.07 -3.06 -15.29
N VAL A 101 0.21 -2.55 -14.05
CA VAL A 101 -0.48 -1.33 -13.69
C VAL A 101 0.33 -0.11 -14.13
N ASN A 102 -0.34 1.03 -14.15
CA ASN A 102 0.30 2.29 -14.52
C ASN A 102 -0.53 3.44 -13.94
N PHE A 103 -0.03 4.03 -12.86
CA PHE A 103 -0.78 5.09 -12.19
C PHE A 103 0.21 5.92 -11.37
N PRO A 104 -0.03 7.22 -11.22
CA PRO A 104 1.03 8.06 -10.64
C PRO A 104 1.41 7.67 -9.22
N PHE A 105 0.51 7.06 -8.45
CA PHE A 105 0.76 6.78 -7.04
C PHE A 105 1.08 5.31 -6.78
N LEU A 106 1.38 4.55 -7.85
CA LEU A 106 1.80 3.15 -7.73
C LEU A 106 3.27 3.05 -8.13
N VAL A 107 4.08 2.38 -7.29
CA VAL A 107 5.51 2.33 -7.58
C VAL A 107 5.73 1.63 -8.91
N LYS A 108 6.76 2.08 -9.62
CA LYS A 108 7.08 1.59 -10.95
C LYS A 108 8.09 0.44 -10.86
N LEU A 109 7.74 -0.67 -11.49
CA LEU A 109 8.64 -1.80 -11.68
C LEU A 109 9.52 -1.56 -12.90
N GLU A 110 10.83 -1.59 -12.71
CA GLU A 110 11.76 -1.33 -13.80
C GLU A 110 12.33 -2.60 -14.40
N PHE A 111 12.68 -3.57 -13.56
CA PHE A 111 13.21 -4.84 -14.02
C PHE A 111 12.70 -5.94 -13.10
N SER A 112 12.65 -7.17 -13.63
CA SER A 112 12.52 -8.35 -12.79
C SER A 112 13.34 -9.49 -13.39
N PHE A 113 13.80 -10.38 -12.52
CA PHE A 113 14.54 -11.55 -12.94
C PHE A 113 14.63 -12.52 -11.77
N LYS A 114 15.20 -13.69 -12.04
CA LYS A 114 15.36 -14.73 -11.03
C LYS A 114 16.66 -15.48 -11.28
N ASP A 115 17.14 -16.18 -10.26
CA ASP A 115 18.32 -17.01 -10.40
C ASP A 115 18.08 -18.29 -9.60
N ASN A 116 19.13 -19.07 -9.37
CA ASN A 116 18.95 -20.35 -8.70
C ASN A 116 18.22 -20.23 -7.37
N SER A 117 18.46 -19.15 -6.64
CA SER A 117 17.97 -19.03 -5.26
C SER A 117 16.83 -18.05 -5.09
N ASN A 118 16.83 -16.94 -5.83
CA ASN A 118 16.00 -15.80 -5.49
C ASN A 118 15.16 -15.30 -6.66
N LEU A 119 14.11 -14.55 -6.30
CA LEU A 119 13.37 -13.71 -7.22
C LEU A 119 13.74 -12.26 -6.96
N TYR A 120 13.80 -11.44 -8.02
CA TYR A 120 14.21 -10.05 -7.93
C TYR A 120 13.22 -9.14 -8.64
N MET A 121 12.80 -8.10 -7.94
CA MET A 121 11.98 -7.04 -8.52
C MET A 121 12.69 -5.73 -8.24
N VAL A 122 13.02 -5.01 -9.29
CA VAL A 122 13.78 -3.77 -9.21
C VAL A 122 12.83 -2.65 -9.52
N MET A 123 12.68 -1.73 -8.56
CA MET A 123 11.67 -0.68 -8.62
C MET A 123 12.31 0.68 -8.43
N GLU A 124 11.57 1.71 -8.88
CA GLU A 124 11.97 3.08 -8.59
C GLU A 124 12.23 3.22 -7.09
N TYR A 125 13.34 3.89 -6.76
CA TYR A 125 13.70 4.16 -5.39
C TYR A 125 12.96 5.40 -4.90
N VAL A 126 12.29 5.27 -3.76
CA VAL A 126 11.51 6.37 -3.16
C VAL A 126 12.22 6.77 -1.87
N PRO A 127 13.06 7.80 -1.90
CA PRO A 127 13.98 8.05 -0.77
C PRO A 127 13.32 8.61 0.47
N GLY A 128 12.10 9.11 0.38
CA GLY A 128 11.43 9.69 1.52
C GLY A 128 11.01 8.70 2.58
N GLY A 129 11.03 7.40 2.28
CA GLY A 129 10.62 6.42 3.24
C GLY A 129 9.11 6.32 3.43
N GLU A 130 8.75 5.58 4.48
CA GLU A 130 7.34 5.26 4.75
C GLU A 130 6.63 6.42 5.42
N MET A 131 5.36 6.58 5.07
CA MET A 131 4.51 7.53 5.78
C MET A 131 4.51 7.23 7.27
N PHE A 132 4.56 5.94 7.63
CA PHE A 132 4.53 5.51 9.02
C PHE A 132 5.55 6.28 9.86
N SER A 133 6.79 6.36 9.38
CA SER A 133 7.85 6.98 10.18
C SER A 133 7.57 8.46 10.35
N HIS A 134 7.14 9.12 9.29
CA HIS A 134 6.88 10.55 9.40
C HIS A 134 5.71 10.81 10.34
N LEU A 135 4.66 9.97 10.26
CA LEU A 135 3.50 10.14 11.13
C LEU A 135 3.87 9.96 12.60
N ARG A 136 4.61 8.90 12.92
CA ARG A 136 5.01 8.70 14.31
C ARG A 136 5.92 9.83 14.78
N ARG A 137 6.78 10.35 13.89
CA ARG A 137 7.71 11.41 14.30
C ARG A 137 6.98 12.70 14.60
N ILE A 138 6.12 13.13 13.67
CA ILE A 138 5.45 14.42 13.83
C ILE A 138 4.28 14.28 14.79
N GLY A 139 3.78 13.06 15.00
CA GLY A 139 2.70 12.81 15.94
C GLY A 139 1.39 12.59 15.22
N ARG A 140 0.96 13.62 14.49
CA ARG A 140 -0.26 13.57 13.71
C ARG A 140 -0.16 14.63 12.63
N PHE A 141 -0.94 14.45 11.57
CA PHE A 141 -0.99 15.37 10.45
C PHE A 141 -2.19 16.30 10.62
N SER A 142 -2.03 17.55 10.21
CA SER A 142 -3.18 18.44 10.17
C SER A 142 -4.22 17.90 9.20
N GLU A 143 -5.45 18.40 9.29
CA GLU A 143 -6.46 17.89 8.36
C GLU A 143 -6.11 18.22 6.91
N PRO A 144 -5.61 19.42 6.55
CA PRO A 144 -5.18 19.61 5.15
C PRO A 144 -4.09 18.63 4.69
N HIS A 145 -3.13 18.34 5.58
CA HIS A 145 -2.07 17.39 5.26
C HIS A 145 -2.65 15.99 5.07
N ALA A 146 -3.49 15.55 6.00
CA ALA A 146 -4.15 14.26 5.86
C ALA A 146 -4.99 14.19 4.60
N ARG A 147 -5.68 15.27 4.28
CA ARG A 147 -6.56 15.27 3.13
C ARG A 147 -5.76 15.14 1.84
N PHE A 148 -4.58 15.77 1.77
CA PHE A 148 -3.72 15.67 0.59
C PHE A 148 -3.40 14.21 0.31
N TYR A 149 -2.99 13.47 1.34
CA TYR A 149 -2.69 12.05 1.16
C TYR A 149 -3.96 11.26 0.88
N ALA A 150 -5.04 11.54 1.61
CA ALA A 150 -6.28 10.79 1.41
C ALA A 150 -6.76 10.89 -0.04
N ALA A 151 -6.67 12.08 -0.62
CA ALA A 151 -7.12 12.24 -2.00
C ALA A 151 -6.36 11.32 -2.94
N GLN A 152 -5.06 11.14 -2.70
CA GLN A 152 -4.27 10.25 -3.55
C GLN A 152 -4.74 8.80 -3.41
N ILE A 153 -5.06 8.38 -2.19
CA ILE A 153 -5.56 7.03 -2.00
C ILE A 153 -6.92 6.87 -2.67
N VAL A 154 -7.80 7.86 -2.54
CA VAL A 154 -9.11 7.76 -3.19
C VAL A 154 -8.94 7.51 -4.68
N LEU A 155 -8.08 8.32 -5.34
CA LEU A 155 -7.86 8.15 -6.76
C LEU A 155 -7.23 6.80 -7.07
N THR A 156 -6.29 6.36 -6.24
CA THR A 156 -5.63 5.07 -6.46
C THR A 156 -6.62 3.93 -6.39
N PHE A 157 -7.52 3.96 -5.39
CA PHE A 157 -8.54 2.91 -5.30
C PHE A 157 -9.56 3.01 -6.43
N GLU A 158 -9.92 4.22 -6.86
CA GLU A 158 -10.77 4.33 -8.04
C GLU A 158 -10.13 3.59 -9.22
N TYR A 159 -8.83 3.81 -9.42
CA TYR A 159 -8.10 3.13 -10.50
C TYR A 159 -8.08 1.62 -10.29
N LEU A 160 -7.61 1.18 -9.11
CA LEU A 160 -7.50 -0.25 -8.86
C LEU A 160 -8.85 -0.95 -8.95
N HIS A 161 -9.89 -0.36 -8.33
CA HIS A 161 -11.20 -0.99 -8.34
C HIS A 161 -11.77 -1.06 -9.75
N SER A 162 -11.42 -0.12 -10.62
CA SER A 162 -11.90 -0.19 -11.99
C SER A 162 -11.28 -1.36 -12.76
N LEU A 163 -10.11 -1.82 -12.33
CA LEU A 163 -9.46 -3.02 -12.83
C LEU A 163 -9.93 -4.27 -12.10
N ASP A 164 -10.91 -4.15 -11.19
CA ASP A 164 -11.41 -5.24 -10.36
C ASP A 164 -10.37 -5.75 -9.37
N LEU A 165 -9.43 -4.89 -8.97
CA LEU A 165 -8.40 -5.25 -8.00
C LEU A 165 -8.80 -4.73 -6.62
N ILE A 166 -8.92 -5.62 -5.66
CA ILE A 166 -9.07 -5.22 -4.27
C ILE A 166 -7.67 -5.15 -3.68
N TYR A 167 -7.36 -4.08 -2.94
CA TYR A 167 -5.99 -3.87 -2.47
C TYR A 167 -5.68 -4.63 -1.18
N ARG A 168 -6.49 -4.43 -0.13
CA ARG A 168 -6.53 -5.19 1.10
C ARG A 168 -5.34 -5.03 2.07
N ASP A 169 -4.37 -4.16 1.80
CA ASP A 169 -3.32 -3.97 2.82
C ASP A 169 -2.94 -2.50 2.95
N LEU A 170 -3.92 -1.63 2.93
CA LEU A 170 -3.66 -0.22 3.19
C LEU A 170 -3.24 0.01 4.64
N LYS A 171 -2.18 0.78 4.82
CA LYS A 171 -1.72 1.24 6.13
C LYS A 171 -0.54 2.16 5.90
N PRO A 172 -0.18 3.03 6.86
CA PRO A 172 0.96 3.96 6.66
C PRO A 172 2.29 3.26 6.38
N GLU A 173 2.47 2.03 6.89
CA GLU A 173 3.66 1.25 6.64
C GLU A 173 3.88 0.92 5.16
N ASN A 174 2.78 0.89 4.37
CA ASN A 174 2.82 0.50 2.97
C ASN A 174 2.73 1.69 2.00
N LEU A 175 2.94 2.90 2.50
CA LEU A 175 2.86 4.11 1.68
C LEU A 175 4.19 4.84 1.76
N LEU A 176 4.87 4.99 0.65
CA LEU A 176 6.12 5.74 0.61
C LEU A 176 5.86 7.16 0.15
N ILE A 177 6.73 8.08 0.58
CA ILE A 177 6.62 9.48 0.22
C ILE A 177 7.78 9.85 -0.70
N ASP A 178 7.44 10.33 -1.90
CA ASP A 178 8.49 10.59 -2.89
C ASP A 178 9.02 12.02 -2.73
N GLN A 179 9.95 12.39 -3.62
CA GLN A 179 10.69 13.64 -3.48
C GLN A 179 9.81 14.86 -3.71
N GLN A 180 8.65 14.69 -4.35
CA GLN A 180 7.68 15.77 -4.44
C GLN A 180 6.65 15.72 -3.33
N GLY A 181 6.78 14.82 -2.38
CA GLY A 181 5.85 14.73 -1.27
C GLY A 181 4.61 13.91 -1.57
N TYR A 182 4.56 13.27 -2.72
CA TYR A 182 3.41 12.44 -3.08
C TYR A 182 3.65 10.98 -2.71
N ILE A 183 2.53 10.24 -2.63
CA ILE A 183 2.53 8.85 -2.18
C ILE A 183 2.90 7.88 -3.30
N GLN A 184 3.59 6.82 -2.91
CA GLN A 184 3.81 5.64 -3.77
C GLN A 184 3.42 4.39 -3.00
N VAL A 185 2.43 3.66 -3.55
N VAL A 185 2.41 3.70 -3.54
CA VAL A 185 2.09 2.33 -3.07
CA VAL A 185 1.91 2.47 -2.92
C VAL A 185 3.05 1.32 -3.71
C VAL A 185 2.82 1.31 -3.34
N THR A 186 3.50 0.34 -2.92
N THR A 186 3.32 0.60 -2.34
CA THR A 186 4.58 -0.54 -3.36
CA THR A 186 4.03 -0.66 -2.53
C THR A 186 4.24 -2.02 -3.36
C THR A 186 3.17 -1.74 -1.89
N ASP A 187 3.49 -2.49 -2.39
N ASP A 187 3.45 -2.97 -2.28
CA ASP A 187 3.42 -3.93 -2.13
CA ASP A 187 2.79 -4.18 -1.79
C ASP A 187 2.01 -4.43 -2.38
C ASP A 187 1.52 -4.47 -2.56
N PHE A 188 1.90 -5.46 -3.22
N PHE A 188 1.56 -5.55 -3.33
CA PHE A 188 0.64 -5.96 -3.77
CA PHE A 188 0.40 -6.04 -4.04
C PHE A 188 0.47 -7.46 -3.59
C PHE A 188 0.22 -7.55 -3.89
N GLY A 189 1.08 -8.04 -2.57
N GLY A 189 0.98 -8.18 -2.99
CA GLY A 189 1.01 -9.50 -2.44
CA GLY A 189 0.80 -9.60 -2.77
C GLY A 189 -0.39 -9.99 -2.16
C GLY A 189 -0.61 -9.96 -2.36
N PHE A 190 -1.15 -9.24 -1.37
CA PHE A 190 -2.48 -9.60 -0.91
C PHE A 190 -3.56 -9.05 -1.83
N ALA A 191 -3.19 -8.31 -2.85
CA ALA A 191 -4.18 -7.81 -3.80
C ALA A 191 -4.80 -8.99 -4.54
N LYS A 192 -6.06 -8.84 -4.93
CA LYS A 192 -6.72 -9.90 -5.67
C LYS A 192 -7.57 -9.29 -6.77
N ARG A 193 -7.44 -9.83 -7.97
N ARG A 193 -7.47 -9.85 -7.98
CA ARG A 193 -8.25 -9.39 -9.10
CA ARG A 193 -8.25 -9.38 -9.11
C ARG A 193 -9.51 -10.23 -9.04
C ARG A 193 -9.55 -10.18 -9.13
N VAL A 194 -10.56 -9.67 -8.44
CA VAL A 194 -11.83 -10.38 -8.24
C VAL A 194 -12.98 -9.39 -8.43
N LYS A 195 -13.94 -9.73 -9.29
CA LYS A 195 -15.05 -8.82 -9.59
C LYS A 195 -16.21 -8.95 -8.62
N GLY A 196 -16.43 -10.14 -8.06
CA GLY A 196 -17.51 -10.33 -7.12
C GLY A 196 -17.06 -10.28 -5.67
N ARG A 197 -17.15 -11.42 -5.01
CA ARG A 197 -16.78 -11.56 -3.61
C ARG A 197 -15.56 -12.46 -3.47
N THR A 198 -14.90 -12.35 -2.33
CA THR A 198 -13.83 -13.24 -1.92
C THR A 198 -13.89 -13.42 -0.41
N TRP A 199 -13.11 -14.38 0.08
CA TRP A 199 -13.27 -14.84 1.45
C TRP A 199 -12.03 -14.91 2.32
N TPO A 200 -10.85 -14.58 1.78
CA TPO A 200 -9.66 -14.85 2.55
CB TPO A 200 -8.41 -14.70 1.66
CG2 TPO A 200 -7.17 -15.14 2.42
OG1 TPO A 200 -8.52 -15.62 0.56
P TPO A 200 -8.55 -14.80 -0.83
O1P TPO A 200 -9.70 -13.72 -0.76
O2P TPO A 200 -9.03 -15.97 -1.87
O3P TPO A 200 -7.18 -14.24 -1.17
C TPO A 200 -9.54 -13.92 3.76
O TPO A 200 -9.70 -12.69 3.65
HA TPO A 200 -9.71 -15.77 2.87
HB TPO A 200 -8.32 -13.66 1.33
HG21 TPO A 200 -6.35 -15.32 1.72
HG22 TPO A 200 -7.38 -16.06 2.97
HG23 TPO A 200 -6.88 -14.36 3.13
N LEU A 201 -9.21 -14.49 4.91
CA LEU A 201 -8.82 -13.69 6.07
C LEU A 201 -7.41 -13.14 5.85
N CYS A 202 -7.29 -11.85 5.57
CA CYS A 202 -5.97 -11.27 5.39
C CYS A 202 -6.03 -9.77 5.58
N GLY A 203 -4.85 -9.22 5.83
CA GLY A 203 -4.71 -7.80 6.13
C GLY A 203 -4.02 -7.60 7.47
N THR A 204 -4.16 -6.40 8.01
CA THR A 204 -3.49 -6.01 9.24
C THR A 204 -4.58 -5.69 10.26
N PRO A 205 -4.50 -6.19 11.49
CA PRO A 205 -5.69 -6.15 12.36
C PRO A 205 -6.36 -4.80 12.47
N GLU A 206 -5.58 -3.74 12.73
CA GLU A 206 -6.17 -2.43 12.93
C GLU A 206 -6.96 -1.96 11.73
N TYR A 207 -6.65 -2.46 10.53
CA TYR A 207 -7.23 -1.99 9.29
C TYR A 207 -8.27 -2.93 8.72
N LEU A 208 -8.61 -3.99 9.45
CA LEU A 208 -9.56 -5.00 8.93
C LEU A 208 -11.00 -4.49 9.02
N ALA A 209 -11.72 -4.61 7.91
CA ALA A 209 -13.14 -4.32 7.90
C ALA A 209 -13.91 -5.36 8.72
N PRO A 210 -15.02 -4.96 9.35
CA PRO A 210 -15.75 -5.92 10.18
C PRO A 210 -16.17 -7.15 9.40
N GLU A 211 -16.53 -7.00 8.12
CA GLU A 211 -16.99 -8.17 7.37
C GLU A 211 -15.86 -9.17 7.11
N ILE A 212 -14.60 -8.73 7.14
CA ILE A 212 -13.52 -9.72 7.08
C ILE A 212 -13.43 -10.49 8.39
N ILE A 213 -13.49 -9.75 9.52
CA ILE A 213 -13.39 -10.35 10.85
C ILE A 213 -14.51 -11.37 11.05
N LEU A 214 -15.71 -11.03 10.60
CA LEU A 214 -16.89 -11.87 10.78
C LEU A 214 -17.01 -12.96 9.73
N SER A 215 -15.94 -13.24 8.98
CA SER A 215 -15.89 -14.40 8.09
C SER A 215 -16.98 -14.34 7.03
N LYS A 216 -17.30 -13.14 6.57
CA LYS A 216 -18.24 -12.96 5.47
C LYS A 216 -17.53 -13.02 4.13
N GLY A 217 -18.30 -13.32 3.09
CA GLY A 217 -17.83 -13.01 1.75
C GLY A 217 -17.89 -11.51 1.59
N TYR A 218 -16.77 -10.91 1.15
CA TYR A 218 -16.65 -9.45 1.12
C TYR A 218 -16.14 -8.98 -0.24
N ASN A 219 -16.16 -7.67 -0.44
CA ASN A 219 -15.87 -7.11 -1.75
C ASN A 219 -15.00 -5.88 -1.58
N LYS A 220 -14.93 -5.04 -2.63
CA LYS A 220 -14.00 -3.92 -2.66
C LYS A 220 -14.31 -2.88 -1.60
N ALA A 221 -15.50 -2.93 -1.00
CA ALA A 221 -15.85 -2.04 0.11
C ALA A 221 -14.87 -2.12 1.27
N VAL A 222 -14.15 -3.24 1.42
CA VAL A 222 -13.19 -3.32 2.52
C VAL A 222 -12.11 -2.27 2.36
N ASP A 223 -11.77 -1.90 1.11
CA ASP A 223 -10.73 -0.88 0.91
C ASP A 223 -11.21 0.48 1.38
N TRP A 224 -12.50 0.78 1.19
CA TRP A 224 -13.03 2.07 1.65
C TRP A 224 -13.12 2.14 3.18
N TRP A 225 -13.42 1.02 3.84
CA TRP A 225 -13.29 0.97 5.30
C TRP A 225 -11.85 1.30 5.71
N ALA A 226 -10.90 0.64 5.06
CA ALA A 226 -9.50 0.86 5.41
C ALA A 226 -9.09 2.29 5.16
N LEU A 227 -9.63 2.94 4.12
CA LEU A 227 -9.37 4.37 3.94
C LEU A 227 -9.82 5.17 5.17
N GLY A 228 -10.99 4.82 5.70
CA GLY A 228 -11.44 5.47 6.91
C GLY A 228 -10.47 5.31 8.06
N VAL A 229 -9.95 4.11 8.26
CA VAL A 229 -8.97 3.89 9.32
C VAL A 229 -7.73 4.73 9.09
N LEU A 230 -7.27 4.80 7.82
CA LEU A 230 -6.07 5.55 7.50
C LEU A 230 -6.28 7.03 7.74
N ILE A 231 -7.40 7.57 7.30
CA ILE A 231 -7.68 8.99 7.52
C ILE A 231 -7.70 9.28 9.00
N TYR A 232 -8.41 8.46 9.76
CA TYR A 232 -8.44 8.63 11.21
C TYR A 232 -7.03 8.61 11.79
N GLU A 233 -6.22 7.61 11.41
CA GLU A 233 -4.89 7.50 12.01
C GLU A 233 -4.03 8.69 11.63
N MET A 234 -4.10 9.12 10.36
CA MET A 234 -3.29 10.27 9.96
C MET A 234 -3.66 11.51 10.76
N ALA A 235 -4.95 11.71 11.02
CA ALA A 235 -5.39 12.95 11.64
C ALA A 235 -5.35 12.91 13.17
N ALA A 236 -5.47 11.72 13.78
CA ALA A 236 -5.38 11.61 15.23
C ALA A 236 -3.98 11.24 15.71
N GLY A 237 -3.20 10.51 14.91
CA GLY A 237 -1.92 9.96 15.31
C GLY A 237 -1.98 8.55 15.83
N TYR A 238 -3.17 7.99 15.97
CA TYR A 238 -3.38 6.62 16.39
C TYR A 238 -4.63 6.14 15.67
N PRO A 239 -4.79 4.84 15.50
CA PRO A 239 -5.95 4.33 14.75
C PRO A 239 -7.20 4.28 15.62
N PRO A 240 -8.36 4.14 14.98
CA PRO A 240 -9.64 4.20 15.72
C PRO A 240 -9.85 3.02 16.65
N PHE A 241 -9.28 1.85 16.32
CA PHE A 241 -9.49 0.63 17.09
C PHE A 241 -8.13 0.03 17.43
N PHE A 242 -7.78 0.01 18.72
CA PHE A 242 -6.53 -0.60 19.15
C PHE A 242 -6.73 -1.28 20.50
N ALA A 243 -5.79 -2.15 20.82
CA ALA A 243 -5.82 -2.96 22.04
C ALA A 243 -4.51 -3.74 22.09
N ASP A 244 -4.31 -4.46 23.20
CA ASP A 244 -3.09 -5.20 23.43
C ASP A 244 -2.89 -6.29 22.37
N GLN A 245 -3.93 -7.09 22.11
CA GLN A 245 -3.80 -8.21 21.19
C GLN A 245 -4.86 -8.14 20.11
N PRO A 246 -4.57 -8.69 18.93
CA PRO A 246 -5.54 -8.61 17.82
C PRO A 246 -6.97 -9.04 18.16
N ILE A 247 -7.14 -10.18 18.86
CA ILE A 247 -8.49 -10.61 19.21
C ILE A 247 -9.26 -9.46 19.85
N GLN A 248 -8.58 -8.67 20.68
CA GLN A 248 -9.21 -7.52 21.33
C GLN A 248 -9.51 -6.39 20.34
N ILE A 249 -8.67 -6.21 19.33
CA ILE A 249 -8.94 -5.19 18.32
C ILE A 249 -10.17 -5.57 17.51
N TYR A 250 -10.34 -6.84 17.23
CA TYR A 250 -11.48 -7.28 16.43
C TYR A 250 -12.81 -6.99 17.12
N GLU A 251 -12.90 -7.20 18.44
CA GLU A 251 -14.16 -6.93 19.13
C GLU A 251 -14.55 -5.46 19.01
N LYS A 252 -13.56 -4.54 19.10
CA LYS A 252 -13.84 -3.13 18.93
C LYS A 252 -14.31 -2.80 17.52
N ILE A 253 -13.68 -3.39 16.50
CA ILE A 253 -14.04 -3.08 15.13
C ILE A 253 -15.50 -3.44 14.87
N VAL A 254 -15.92 -4.64 15.29
CA VAL A 254 -17.26 -5.08 14.95
C VAL A 254 -18.32 -4.33 15.77
N SER A 255 -17.93 -3.83 16.95
CA SER A 255 -18.87 -3.13 17.81
C SER A 255 -19.55 -1.97 17.10
N GLY A 256 -18.92 -1.41 16.08
CA GLY A 256 -19.47 -0.22 15.44
C GLY A 256 -19.56 0.98 16.35
N LYS A 257 -18.69 1.06 17.35
CA LYS A 257 -18.53 2.24 18.20
C LYS A 257 -17.12 2.79 17.97
N VAL A 258 -17.02 4.12 17.91
CA VAL A 258 -15.77 4.80 17.62
C VAL A 258 -15.86 6.20 18.23
N ARG A 259 -14.76 6.65 18.83
CA ARG A 259 -14.66 7.98 19.41
C ARG A 259 -13.67 8.79 18.59
N PHE A 260 -13.90 10.11 18.54
CA PHE A 260 -13.00 10.99 17.82
C PHE A 260 -12.31 11.97 18.75
N PRO A 261 -11.04 12.32 18.48
CA PRO A 261 -10.40 13.42 19.22
C PRO A 261 -11.22 14.70 19.10
N SER A 262 -11.22 15.50 20.17
CA SER A 262 -12.00 16.73 20.15
C SER A 262 -11.57 17.68 19.02
N HIS A 263 -10.35 17.53 18.48
CA HIS A 263 -9.91 18.46 17.45
C HIS A 263 -10.39 18.08 16.04
N PHE A 264 -11.01 16.91 15.85
CA PHE A 264 -11.57 16.56 14.54
C PHE A 264 -12.68 17.53 14.16
N SER A 265 -12.63 18.03 12.92
CA SER A 265 -13.70 18.84 12.38
C SER A 265 -14.98 18.05 12.22
N SER A 266 -16.12 18.76 12.21
CA SER A 266 -17.40 18.12 11.96
C SER A 266 -17.44 17.42 10.60
N ASP A 267 -16.89 18.06 9.56
CA ASP A 267 -16.83 17.43 8.25
C ASP A 267 -16.04 16.12 8.31
N LEU A 268 -14.88 16.15 8.98
CA LEU A 268 -14.08 14.93 9.06
C LEU A 268 -14.85 13.82 9.76
N LYS A 269 -15.53 14.16 10.87
CA LYS A 269 -16.28 13.13 11.60
C LYS A 269 -17.38 12.55 10.73
N ASP A 270 -18.06 13.39 9.94
CA ASP A 270 -19.15 12.88 9.12
C ASP A 270 -18.61 11.96 8.03
N LEU A 271 -17.50 12.33 7.39
CA LEU A 271 -16.85 11.44 6.42
C LEU A 271 -16.49 10.11 7.07
N LEU A 272 -15.87 10.16 8.26
CA LEU A 272 -15.41 8.93 8.88
C LEU A 272 -16.57 8.05 9.33
N ARG A 273 -17.68 8.65 9.77
CA ARG A 273 -18.85 7.86 10.12
C ARG A 273 -19.36 7.09 8.91
N ASN A 274 -19.22 7.65 7.70
CA ASN A 274 -19.71 6.96 6.51
C ASN A 274 -18.69 5.99 5.92
N LEU A 275 -17.40 6.19 6.19
CA LEU A 275 -16.41 5.20 5.78
C LEU A 275 -16.29 4.07 6.79
N LEU A 276 -16.24 4.40 8.09
CA LEU A 276 -16.19 3.40 9.15
C LEU A 276 -17.59 2.91 9.49
N GLN A 277 -18.32 2.52 8.44
CA GLN A 277 -19.72 2.09 8.52
C GLN A 277 -19.75 0.57 8.47
N VAL A 278 -20.23 -0.04 9.56
CA VAL A 278 -20.25 -1.49 9.65
C VAL A 278 -21.20 -2.09 8.62
N ASP A 279 -22.29 -1.40 8.32
CA ASP A 279 -23.31 -1.87 7.38
C ASP A 279 -22.81 -1.59 5.97
N LEU A 280 -22.25 -2.60 5.31
CA LEU A 280 -21.64 -2.34 4.02
C LEU A 280 -22.68 -1.99 2.96
N THR A 281 -23.97 -2.19 3.25
CA THR A 281 -25.04 -1.62 2.42
C THR A 281 -25.13 -0.11 2.56
N LYS A 282 -24.44 0.49 3.54
CA LYS A 282 -24.52 1.92 3.79
C LYS A 282 -23.16 2.61 3.70
N ARG A 283 -22.10 1.87 3.44
CA ARG A 283 -20.76 2.45 3.51
C ARG A 283 -20.43 3.24 2.26
N PHE A 284 -19.91 4.46 2.44
CA PHE A 284 -19.45 5.24 1.31
C PHE A 284 -18.41 4.48 0.50
N GLY A 285 -18.53 4.59 -0.82
CA GLY A 285 -17.70 3.88 -1.77
C GLY A 285 -18.35 2.62 -2.29
N ASN A 286 -19.39 2.13 -1.60
CA ASN A 286 -20.09 0.91 -1.98
C ASN A 286 -21.57 1.17 -2.33
N LEU A 287 -21.94 2.42 -2.58
CA LEU A 287 -23.31 2.77 -2.92
C LEU A 287 -23.43 3.05 -4.42
N LYS A 288 -24.64 3.43 -4.86
CA LYS A 288 -24.90 3.61 -6.29
C LYS A 288 -24.01 4.69 -6.90
N ASN A 289 -23.73 5.75 -6.15
CA ASN A 289 -22.85 6.81 -6.63
C ASN A 289 -21.38 6.44 -6.51
N GLY A 290 -21.06 5.27 -5.93
CA GLY A 290 -19.70 4.77 -5.91
C GLY A 290 -18.72 5.73 -5.27
N VAL A 291 -17.55 5.88 -5.89
CA VAL A 291 -16.52 6.71 -5.30
C VAL A 291 -16.93 8.18 -5.24
N ASN A 292 -17.90 8.60 -6.04
CA ASN A 292 -18.27 10.01 -6.03
C ASN A 292 -18.91 10.45 -4.73
N ASP A 293 -19.47 9.53 -3.95
CA ASP A 293 -19.96 9.93 -2.63
C ASP A 293 -18.81 10.42 -1.77
N ILE A 294 -17.60 9.91 -2.02
CA ILE A 294 -16.44 10.34 -1.26
C ILE A 294 -15.87 11.61 -1.85
N LYS A 295 -15.69 11.64 -3.17
CA LYS A 295 -15.05 12.78 -3.82
C LYS A 295 -15.85 14.06 -3.61
N ASN A 296 -17.18 13.96 -3.51
CA ASN A 296 -18.04 15.13 -3.40
C ASN A 296 -18.40 15.47 -1.96
N HIS A 297 -17.78 14.81 -0.98
CA HIS A 297 -18.08 15.06 0.42
C HIS A 297 -17.48 16.40 0.87
N LYS A 298 -18.15 17.06 1.82
CA LYS A 298 -17.74 18.39 2.25
C LYS A 298 -16.28 18.44 2.71
N TRP A 299 -15.80 17.38 3.37
CA TRP A 299 -14.40 17.35 3.79
C TRP A 299 -13.46 17.50 2.60
N PHE A 300 -13.86 17.02 1.42
CA PHE A 300 -13.01 17.13 0.23
C PHE A 300 -13.39 18.32 -0.64
N ALA A 301 -14.19 19.26 -0.13
CA ALA A 301 -14.67 20.36 -0.95
C ALA A 301 -13.54 21.14 -1.59
N THR A 302 -12.42 21.30 -0.88
CA THR A 302 -11.34 22.11 -1.40
C THR A 302 -10.37 21.32 -2.28
N THR A 303 -10.64 20.04 -2.52
CA THR A 303 -9.72 19.18 -3.25
C THR A 303 -9.95 19.32 -4.76
N ASP A 304 -8.89 19.67 -5.47
CA ASP A 304 -8.87 19.71 -6.93
C ASP A 304 -8.40 18.34 -7.40
N TRP A 305 -9.35 17.47 -7.74
CA TRP A 305 -9.04 16.07 -7.98
C TRP A 305 -8.12 15.90 -9.18
N ILE A 306 -8.33 16.68 -10.23
CA ILE A 306 -7.46 16.60 -11.39
C ILE A 306 -6.05 17.06 -11.03
N ALA A 307 -5.94 18.15 -10.26
CA ALA A 307 -4.61 18.69 -9.92
C ALA A 307 -3.82 17.72 -9.06
N ILE A 308 -4.51 17.02 -8.15
CA ILE A 308 -3.86 15.95 -7.39
C ILE A 308 -3.31 14.88 -8.33
N TYR A 309 -4.18 14.38 -9.22
CA TYR A 309 -3.76 13.38 -10.18
C TYR A 309 -2.55 13.83 -10.99
N GLN A 310 -2.56 15.08 -11.45
CA GLN A 310 -1.48 15.65 -12.23
C GLN A 310 -0.28 16.05 -11.38
N ARG A 311 -0.36 15.84 -10.06
CA ARG A 311 0.73 16.16 -9.14
C ARG A 311 1.12 17.63 -9.25
N LYS A 312 0.12 18.50 -9.47
CA LYS A 312 0.34 19.94 -9.55
C LYS A 312 0.12 20.64 -8.20
N VAL A 313 -0.46 19.96 -7.23
CA VAL A 313 -0.72 20.57 -5.92
C VAL A 313 0.59 20.62 -5.13
N GLU A 314 0.87 21.77 -4.53
CA GLU A 314 2.05 21.89 -3.67
C GLU A 314 1.89 20.98 -2.45
N ALA A 315 2.82 20.05 -2.27
CA ALA A 315 2.71 19.11 -1.15
C ALA A 315 2.95 19.86 0.17
N PRO A 316 2.20 19.53 1.23
CA PRO A 316 2.41 20.20 2.53
C PRO A 316 3.69 19.79 3.24
N PHE A 317 4.32 18.69 2.81
CA PHE A 317 5.52 18.19 3.45
C PHE A 317 6.40 17.53 2.39
N ILE A 318 7.68 17.90 2.41
CA ILE A 318 8.71 17.36 1.53
C ILE A 318 9.74 16.68 2.41
N PRO A 319 10.00 15.39 2.23
CA PRO A 319 11.02 14.73 3.05
C PRO A 319 12.39 15.35 2.82
N LYS A 320 13.22 15.30 3.86
CA LYS A 320 14.62 15.69 3.73
C LYS A 320 15.28 14.80 2.68
N PHE A 321 16.04 15.42 1.77
CA PHE A 321 16.65 14.72 0.65
C PHE A 321 18.08 15.21 0.48
N LYS A 322 19.04 14.35 0.79
CA LYS A 322 20.45 14.67 0.61
C LYS A 322 21.08 13.73 -0.40
N GLY A 323 20.56 13.70 -1.63
CA GLY A 323 21.19 12.98 -2.70
C GLY A 323 20.35 11.84 -3.27
N PRO A 324 20.79 11.30 -4.41
CA PRO A 324 19.99 10.27 -5.10
C PRO A 324 20.02 8.91 -4.41
N GLY A 325 21.02 8.65 -3.57
CA GLY A 325 21.13 7.40 -2.85
C GLY A 325 21.05 7.58 -1.35
N ASP A 326 20.54 8.71 -0.89
CA ASP A 326 20.39 8.91 0.55
C ASP A 326 19.40 7.90 1.12
N THR A 327 19.75 7.30 2.27
CA THR A 327 18.93 6.29 2.93
C THR A 327 18.50 6.72 4.33
N SER A 328 18.66 7.99 4.66
CA SER A 328 18.43 8.43 6.02
C SER A 328 17.01 8.23 6.51
N ASN A 329 16.03 8.07 5.60
CA ASN A 329 14.63 7.91 5.98
C ASN A 329 14.22 6.45 6.21
N PHE A 330 15.18 5.53 6.18
CA PHE A 330 14.94 4.11 6.36
C PHE A 330 15.66 3.63 7.60
N ASP A 331 15.13 2.55 8.18
CA ASP A 331 15.77 1.96 9.35
C ASP A 331 17.07 1.26 8.94
N ASP A 332 17.91 1.01 9.93
CA ASP A 332 19.19 0.36 9.76
C ASP A 332 19.05 -1.10 10.13
N TYR A 333 19.67 -1.96 9.33
CA TYR A 333 19.58 -3.41 9.49
C TYR A 333 20.98 -3.99 9.36
N GLU A 334 21.21 -5.11 10.04
CA GLU A 334 22.45 -5.84 9.84
C GLU A 334 22.54 -6.34 8.40
N GLU A 335 23.63 -6.02 7.73
CA GLU A 335 23.84 -6.45 6.35
C GLU A 335 24.20 -7.92 6.32
N GLU A 336 23.38 -8.72 5.67
CA GLU A 336 23.56 -10.16 5.54
C GLU A 336 23.91 -10.50 4.09
N GLU A 337 24.60 -11.61 3.93
CA GLU A 337 25.01 -12.04 2.59
C GLU A 337 23.78 -12.28 1.72
N ILE A 338 23.97 -12.13 0.43
CA ILE A 338 22.98 -12.53 -0.55
C ILE A 338 23.59 -13.72 -1.28
N ARG A 339 23.20 -14.92 -0.87
CA ARG A 339 23.77 -16.13 -1.44
C ARG A 339 22.91 -16.58 -2.63
N VAL A 340 23.60 -17.04 -3.68
CA VAL A 340 22.99 -17.66 -4.85
C VAL A 340 23.54 -19.09 -4.92
N SEP A 341 22.66 -20.07 -4.70
CA SEP A 341 23.07 -21.48 -4.63
CB SEP A 341 21.89 -22.33 -4.14
OG SEP A 341 22.16 -23.72 -4.26
C SEP A 341 23.57 -22.00 -5.97
O SEP A 341 23.19 -21.49 -7.02
P SEP A 341 22.89 -24.34 -2.96
O1P SEP A 341 22.34 -23.61 -1.64
O2P SEP A 341 22.54 -25.90 -2.97
O3P SEP A 341 24.46 -24.11 -3.18
N ILE A 342 24.43 -23.01 -5.90
CA ILE A 342 24.94 -23.69 -7.08
C ILE A 342 23.82 -24.51 -7.74
N ASN A 343 22.81 -24.87 -6.95
CA ASN A 343 21.68 -25.65 -7.42
C ASN A 343 20.46 -24.77 -7.63
N GLU A 344 19.75 -24.98 -8.74
CA GLU A 344 18.48 -24.32 -8.97
C GLU A 344 17.47 -24.81 -7.94
N LYS A 345 16.80 -23.88 -7.26
CA LYS A 345 15.78 -24.18 -6.27
C LYS A 345 14.40 -23.80 -6.81
N CYS A 346 13.44 -24.72 -6.68
CA CYS A 346 12.02 -24.40 -6.85
C CYS A 346 11.73 -23.86 -8.25
N GLY A 347 12.36 -24.46 -9.26
CA GLY A 347 12.21 -23.95 -10.61
C GLY A 347 10.77 -24.05 -11.11
N LYS A 348 10.16 -25.23 -10.94
CA LYS A 348 8.81 -25.45 -11.47
C LYS A 348 7.80 -24.48 -10.84
N GLU A 349 7.92 -24.23 -9.53
CA GLU A 349 6.98 -23.35 -8.84
C GLU A 349 6.99 -21.94 -9.41
N PHE A 350 8.15 -21.46 -9.87
CA PHE A 350 8.30 -20.06 -10.26
C PHE A 350 8.55 -19.91 -11.75
N THR A 351 8.15 -20.88 -12.57
CA THR A 351 8.48 -20.78 -13.99
C THR A 351 7.87 -19.52 -14.61
N GLU A 352 6.71 -19.06 -14.14
CA GLU A 352 6.10 -17.91 -14.79
C GLU A 352 6.71 -16.58 -14.37
N PHE A 353 7.56 -16.57 -13.34
CA PHE A 353 8.11 -15.31 -12.86
C PHE A 353 9.11 -14.74 -13.86
N THR B 1 -5.18 9.25 28.97
CA THR B 1 -5.73 9.80 27.73
C THR B 1 -5.87 8.67 26.70
N THR B 2 -6.56 8.93 25.59
CA THR B 2 -6.59 7.94 24.51
C THR B 2 -5.18 7.72 23.96
N TYR B 3 -4.39 8.79 23.82
CA TYR B 3 -3.00 8.63 23.44
C TYR B 3 -2.26 7.72 24.41
N ALA B 4 -2.41 7.96 25.72
CA ALA B 4 -1.75 7.11 26.70
C ALA B 4 -2.19 5.66 26.55
N ASP B 5 -3.49 5.44 26.29
CA ASP B 5 -3.98 4.08 26.04
C ASP B 5 -3.35 3.47 24.80
N PHE B 6 -3.16 4.28 23.75
CA PHE B 6 -2.49 3.79 22.55
C PHE B 6 -1.06 3.38 22.87
N ILE B 7 -0.31 4.23 23.59
CA ILE B 7 1.06 3.84 23.93
C ILE B 7 1.05 2.55 24.75
N ALA B 8 0.05 2.40 25.63
CA ALA B 8 0.01 1.24 26.50
C ALA B 8 -0.30 -0.04 25.75
N SER B 9 -0.96 0.08 24.60
CA SER B 9 -1.31 -1.10 23.80
C SER B 9 -0.09 -1.86 23.35
N GLY B 10 1.06 -1.20 23.24
CA GLY B 10 2.24 -1.83 22.71
C GLY B 10 2.25 -1.97 21.21
N ARG B 11 1.26 -1.45 20.51
CA ARG B 11 1.20 -1.59 19.06
C ARG B 11 1.46 -0.25 18.40
N THR B 12 2.55 0.40 18.80
CA THR B 12 2.92 1.69 18.21
C THR B 12 3.97 1.57 17.12
N GLY B 13 4.62 0.41 16.98
CA GLY B 13 5.58 0.20 15.93
C GLY B 13 4.94 -0.36 14.68
N ARG B 14 5.79 -0.70 13.72
CA ARG B 14 5.29 -1.26 12.47
C ARG B 14 4.47 -2.51 12.74
N ARG B 15 3.34 -2.60 12.06
CA ARG B 15 2.40 -3.70 12.24
C ARG B 15 2.51 -4.71 11.11
N ASN B 16 2.59 -5.97 11.47
CA ASN B 16 2.57 -7.04 10.47
C ASN B 16 1.16 -7.40 10.01
N ALA B 17 1.08 -7.92 8.80
CA ALA B 17 -0.15 -8.50 8.31
C ALA B 17 -0.44 -9.81 9.04
N ILE B 18 -1.73 -10.16 9.11
CA ILE B 18 -2.18 -11.40 9.75
C ILE B 18 -1.44 -12.61 9.17
C11 T82 C . 10.07 0.53 -3.85
C12 T82 C . 10.90 1.40 -3.15
C14 T82 C . 11.15 1.13 -1.81
C16 T82 C . 10.57 0.04 -1.17
C17 T82 C . 8.87 -5.64 2.68
C18 T82 C . 9.75 -5.41 3.75
C19 T82 C . 10.78 -6.28 4.01
C20 T82 C . 10.98 -7.40 3.21
C21 T82 C . 10.11 -7.62 2.15
C23 T82 C . 9.07 -6.76 1.89
C10 T82 C . 9.52 -0.57 -3.22
C02 T82 C . 6.91 -4.29 3.54
C03 T82 C . 7.78 -4.64 2.33
C04 T82 C . 8.52 -3.38 1.87
C08 T82 C . 9.06 -1.92 -1.21
C09 T82 C . 9.74 -0.82 -1.89
N01 T82 C . 5.93 -3.23 3.18
N06 T82 C . 8.46 -3.16 0.56
N07 T82 C . 9.14 -2.06 0.05
O05 T82 C . 9.14 -2.67 2.65
O13 T82 C . 11.47 2.48 -3.72
BR T82 C . 12.31 2.27 -0.84
CL T82 C . 10.39 -8.96 1.09
#